data_5APK
#
_entry.id   5APK
#
_cell.length_a   99.750
_cell.length_b   99.750
_cell.length_c   129.520
_cell.angle_alpha   90.00
_cell.angle_beta   90.00
_cell.angle_gamma   120.00
#
_symmetry.space_group_name_H-M   'P 61'
#
loop_
_entity.id
_entity.type
_entity.pdbx_description
1 polymer 'NUCLEAR RECEPTOR ROR-GAMMA'
2 polymer 'NUCLEAR RECEPTOR ROR-GAMMA'
3 non-polymer 2-CHLORO-6-FLUORO-N-[4-[3-(TRIFLUOROMETHYL)PHENYL]SULFONYL-3,5-DIHYDRO-2H-1,4-BENZOXAZEPIN-7-YL]BENZAMIDE
4 water water
#
loop_
_entity_poly.entity_id
_entity_poly.type
_entity_poly.pdbx_seq_one_letter_code
_entity_poly.pdbx_strand_id
1 'polypeptide(L)'
;MHNHNHNHNHNHNGGENLYFQGASLTEIEHLVQSVCKSYRETCQLRLEDLLRQRSNIFSREEVTGYQRKSMWEMWERCAH
HLTEAIQYVVEFAKRLSGFMELCQNDQIVLLKAGAMEVVLVRMCRAYNADNRTVFFEGKYGGMELFRALGCSELISSIFD
FSHSLSALHFSEDEIALYTALVLINAHRPGLQEKRKVEQLQYNLELAFHHHLCKTHRQSILAKLPPKGKLRSLCSQHVER
LQIFQHLHPIVVQAAFPPLYKELFS
;
A,B
2 'polypeptide(L)' VERLQIFQHLHPI D
#
loop_
_chem_comp.id
_chem_comp.type
_chem_comp.name
_chem_comp.formula
76E non-polymer 2-CHLORO-6-FLUORO-N-[4-[3-(TRIFLUOROMETHYL)PHENYL]SULFONYL-3,5-DIHYDRO-2H-1,4-BENZOXAZEPIN-7-YL]BENZAMIDE 'C23 H17 Cl F4 N2 O4 S'
#
# COMPACT_ATOMS: atom_id res chain seq x y z
N GLU A 16 5.34 17.45 -19.88
CA GLU A 16 4.34 17.15 -18.85
C GLU A 16 4.61 17.91 -17.50
N ASN A 17 5.81 18.54 -17.37
CA ASN A 17 6.26 19.33 -16.22
C ASN A 17 7.49 20.20 -16.62
N LEU A 18 7.64 21.37 -15.97
CA LEU A 18 8.72 22.35 -16.13
C LEU A 18 10.12 21.72 -15.89
N TYR A 19 10.21 20.65 -15.09
CA TYR A 19 11.49 20.02 -14.80
C TYR A 19 11.79 18.89 -15.76
N PHE A 20 10.97 18.74 -16.83
CA PHE A 20 11.18 17.75 -17.90
C PHE A 20 12.04 18.34 -19.01
N GLN A 21 12.49 19.57 -18.78
CA GLN A 21 13.41 20.34 -19.61
C GLN A 21 14.30 21.02 -18.57
N GLY A 22 15.41 21.59 -19.03
CA GLY A 22 16.34 22.30 -18.16
C GLY A 22 15.70 23.47 -17.45
N ALA A 23 15.88 23.53 -16.13
CA ALA A 23 15.33 24.63 -15.33
C ALA A 23 16.37 25.76 -15.18
N SER A 24 15.93 27.02 -15.03
CA SER A 24 16.84 28.16 -14.74
C SER A 24 17.25 28.05 -13.24
N LEU A 25 18.23 28.85 -12.81
CA LEU A 25 18.68 28.82 -11.43
C LEU A 25 17.58 29.21 -10.42
N THR A 26 16.67 30.13 -10.78
CA THR A 26 15.53 30.52 -9.95
C THR A 26 14.59 29.31 -9.76
N GLU A 27 14.30 28.58 -10.85
CA GLU A 27 13.49 27.36 -10.78
C GLU A 27 14.20 26.26 -9.92
N ILE A 28 15.54 26.20 -9.97
CA ILE A 28 16.39 25.29 -9.21
C ILE A 28 16.25 25.56 -7.73
N GLU A 29 16.28 26.83 -7.33
CA GLU A 29 16.11 27.17 -5.91
C GLU A 29 14.71 26.79 -5.41
N HIS A 30 13.68 26.90 -6.28
CA HIS A 30 12.31 26.48 -5.94
C HIS A 30 12.29 24.98 -5.74
N LEU A 31 12.96 24.23 -6.62
CA LEU A 31 13.11 22.77 -6.56
C LEU A 31 13.78 22.33 -5.23
N VAL A 32 14.80 23.05 -4.75
CA VAL A 32 15.47 22.78 -3.47
C VAL A 32 14.46 22.87 -2.32
N GLN A 33 13.76 24.01 -2.25
CA GLN A 33 12.79 24.33 -1.22
C GLN A 33 11.66 23.32 -1.14
N SER A 34 11.17 22.93 -2.31
CA SER A 34 10.10 21.98 -2.54
C SER A 34 10.51 20.56 -2.08
N VAL A 35 11.69 20.07 -2.53
CA VAL A 35 12.23 18.75 -2.16
C VAL A 35 12.36 18.68 -0.63
N CYS A 36 12.87 19.75 -0.03
CA CYS A 36 13.06 19.86 1.41
C CYS A 36 11.73 19.89 2.18
N LYS A 37 10.70 20.47 1.58
CA LYS A 37 9.37 20.55 2.18
C LYS A 37 8.74 19.15 2.13
N SER A 38 8.80 18.50 0.95
CA SER A 38 8.30 17.15 0.70
C SER A 38 8.94 16.15 1.66
N TYR A 39 10.24 16.29 1.92
CA TYR A 39 10.94 15.44 2.88
C TYR A 39 10.40 15.66 4.32
N ARG A 40 10.31 16.94 4.76
CA ARG A 40 9.81 17.34 6.08
C ARG A 40 8.41 16.75 6.36
N GLU A 41 7.56 16.73 5.37
CA GLU A 41 6.19 16.26 5.42
C GLU A 41 6.08 14.71 5.40
N THR A 42 7.13 13.98 4.99
CA THR A 42 7.08 12.52 4.80
C THR A 42 8.19 11.77 5.54
N CYS A 43 8.93 12.44 6.42
CA CYS A 43 10.09 11.84 7.12
C CYS A 43 9.70 10.77 8.15
N GLN A 44 8.39 10.63 8.48
CA GLN A 44 7.81 9.60 9.36
C GLN A 44 8.08 9.91 10.83
N LEU A 45 9.35 9.99 11.22
CA LEU A 45 9.78 10.34 12.56
C LEU A 45 10.56 11.68 12.51
N ARG A 46 10.17 12.64 13.35
CA ARG A 46 10.82 13.96 13.45
C ARG A 46 12.20 13.80 14.05
N LEU A 47 13.22 14.47 13.47
CA LEU A 47 14.60 14.41 13.97
C LEU A 47 14.73 14.82 15.45
N GLU A 48 13.98 15.86 15.87
CA GLU A 48 13.97 16.37 17.26
C GLU A 48 13.53 15.25 18.21
N ASP A 49 12.42 14.55 17.89
CA ASP A 49 11.87 13.41 18.65
C ASP A 49 12.87 12.25 18.72
N LEU A 50 13.49 11.88 17.58
CA LEU A 50 14.52 10.83 17.54
C LEU A 50 15.72 11.14 18.41
N LEU A 51 16.20 12.40 18.39
CA LEU A 51 17.35 12.83 19.21
C LEU A 51 17.02 12.86 20.72
N ARG A 52 15.78 13.27 21.05
CA ARG A 52 15.16 13.37 22.37
C ARG A 52 14.95 11.98 23.00
N GLN A 53 14.77 10.93 22.16
CA GLN A 53 14.53 9.58 22.65
C GLN A 53 15.81 8.73 22.76
N ARG A 54 17.00 9.30 22.43
CA ARG A 54 18.30 8.62 22.53
C ARG A 54 18.64 8.15 23.96
N SER A 55 17.97 8.72 24.98
CA SER A 55 18.13 8.40 26.39
C SER A 55 17.30 7.17 26.76
N ASN A 56 16.15 6.96 26.05
CA ASN A 56 15.20 5.85 26.22
C ASN A 56 15.73 4.55 25.54
N ILE A 57 16.62 3.84 26.26
CA ILE A 57 17.28 2.60 25.85
C ILE A 57 16.56 1.36 26.43
N PHE A 58 16.36 0.29 25.59
CA PHE A 58 15.75 -0.99 26.03
C PHE A 58 16.55 -1.60 27.17
N SER A 59 15.85 -2.05 28.22
CA SER A 59 16.51 -2.72 29.35
C SER A 59 16.95 -4.15 28.95
N ARG A 60 17.88 -4.76 29.73
CA ARG A 60 18.37 -6.13 29.50
C ARG A 60 17.22 -7.14 29.48
N GLU A 61 16.15 -6.87 30.24
CA GLU A 61 14.94 -7.71 30.32
C GLU A 61 14.16 -7.60 29.03
N GLU A 62 14.06 -6.36 28.50
CA GLU A 62 13.32 -6.07 27.26
C GLU A 62 14.05 -6.70 26.06
N VAL A 63 15.39 -6.65 26.06
CA VAL A 63 16.25 -7.21 25.00
C VAL A 63 16.04 -8.74 24.93
N THR A 64 16.12 -9.42 26.12
CA THR A 64 15.86 -10.86 26.32
C THR A 64 14.46 -11.19 25.82
N GLY A 65 13.50 -10.33 26.11
CA GLY A 65 12.14 -10.48 25.64
C GLY A 65 12.05 -10.56 24.13
N TYR A 66 12.80 -9.69 23.41
CA TYR A 66 12.82 -9.71 21.94
C TYR A 66 13.56 -10.94 21.43
N GLN A 67 14.64 -11.30 22.11
CA GLN A 67 15.45 -12.47 21.76
C GLN A 67 14.69 -13.80 21.88
N ARG A 68 13.71 -13.88 22.83
CA ARG A 68 12.90 -15.10 23.03
C ARG A 68 11.82 -15.28 21.99
N LYS A 69 11.45 -14.21 21.28
CA LYS A 69 10.41 -14.31 20.25
C LYS A 69 10.87 -15.19 19.12
N SER A 70 9.91 -15.79 18.44
CA SER A 70 10.18 -16.61 17.29
C SER A 70 10.72 -15.72 16.17
N MET A 71 11.50 -16.29 15.24
CA MET A 71 11.93 -15.60 14.04
C MET A 71 10.67 -15.14 13.26
N TRP A 72 9.56 -15.90 13.37
CA TRP A 72 8.28 -15.62 12.74
C TRP A 72 7.63 -14.38 13.29
N GLU A 73 7.67 -14.20 14.60
CA GLU A 73 7.13 -12.99 15.19
C GLU A 73 8.05 -11.78 14.87
N MET A 74 9.40 -11.94 14.95
CA MET A 74 10.33 -10.85 14.63
C MET A 74 10.21 -10.44 13.17
N TRP A 75 10.01 -11.41 12.26
CA TRP A 75 9.78 -11.16 10.85
C TRP A 75 8.53 -10.31 10.65
N GLU A 76 7.41 -10.67 11.30
CA GLU A 76 6.15 -9.95 11.14
C GLU A 76 6.31 -8.49 11.61
N ARG A 77 6.88 -8.26 12.82
CA ARG A 77 7.10 -6.93 13.40
C ARG A 77 7.97 -6.07 12.46
N CYS A 78 9.09 -6.63 11.99
CA CYS A 78 10.06 -5.98 11.10
C CYS A 78 9.51 -5.72 9.70
N ALA A 79 8.79 -6.70 9.11
CA ALA A 79 8.15 -6.56 7.81
C ALA A 79 7.06 -5.48 7.89
N HIS A 80 6.37 -5.36 9.05
CA HIS A 80 5.34 -4.33 9.26
C HIS A 80 5.99 -2.94 9.23
N HIS A 81 7.06 -2.74 10.01
CA HIS A 81 7.83 -1.51 10.11
C HIS A 81 8.47 -1.15 8.77
N LEU A 82 8.93 -2.14 8.01
CA LEU A 82 9.51 -1.89 6.72
C LEU A 82 8.45 -1.46 5.69
N THR A 83 7.26 -2.09 5.70
CA THR A 83 6.16 -1.73 4.79
C THR A 83 5.75 -0.26 5.02
N GLU A 84 5.65 0.13 6.30
CA GLU A 84 5.34 1.47 6.73
C GLU A 84 6.42 2.47 6.26
N ALA A 85 7.71 2.17 6.47
CA ALA A 85 8.82 3.02 6.01
C ALA A 85 8.76 3.21 4.49
N ILE A 86 8.46 2.12 3.73
CA ILE A 86 8.36 2.18 2.28
C ILE A 86 7.22 3.09 1.85
N GLN A 87 6.07 3.02 2.57
CA GLN A 87 4.92 3.85 2.25
C GLN A 87 5.31 5.35 2.30
N TYR A 88 6.05 5.78 3.35
CA TYR A 88 6.54 7.16 3.52
C TYR A 88 7.50 7.58 2.42
N VAL A 89 8.32 6.64 1.89
CA VAL A 89 9.23 6.88 0.77
C VAL A 89 8.42 7.12 -0.52
N VAL A 90 7.36 6.33 -0.70
CA VAL A 90 6.44 6.42 -1.86
C VAL A 90 5.74 7.77 -1.84
N GLU A 91 5.30 8.22 -0.65
CA GLU A 91 4.69 9.52 -0.42
C GLU A 91 5.68 10.66 -0.74
N PHE A 92 6.96 10.51 -0.35
CA PHE A 92 8.01 11.47 -0.68
C PHE A 92 8.19 11.56 -2.21
N ALA A 93 8.27 10.40 -2.91
CA ALA A 93 8.44 10.38 -4.36
C ALA A 93 7.30 11.08 -5.08
N LYS A 94 6.05 10.84 -4.65
CA LYS A 94 4.82 11.41 -5.23
C LYS A 94 4.78 12.95 -5.13
N ARG A 95 5.45 13.50 -4.10
CA ARG A 95 5.53 14.94 -3.86
C ARG A 95 6.69 15.62 -4.57
N LEU A 96 7.51 14.85 -5.33
CA LEU A 96 8.64 15.40 -6.08
C LEU A 96 8.14 15.88 -7.44
N SER A 97 8.53 17.11 -7.87
CA SER A 97 8.10 17.72 -9.14
C SER A 97 8.37 16.81 -10.32
N GLY A 98 7.34 16.58 -11.11
CA GLY A 98 7.46 15.75 -12.30
C GLY A 98 7.28 14.26 -12.07
N PHE A 99 7.50 13.75 -10.83
CA PHE A 99 7.35 12.30 -10.56
C PHE A 99 5.97 11.77 -10.93
N MET A 100 4.90 12.48 -10.55
CA MET A 100 3.54 12.03 -10.87
C MET A 100 3.14 12.30 -12.35
N GLU A 101 3.99 13.01 -13.11
CA GLU A 101 3.78 13.25 -14.55
C GLU A 101 4.52 12.21 -15.38
N LEU A 102 5.31 11.35 -14.73
CA LEU A 102 5.96 10.21 -15.38
C LEU A 102 4.88 9.12 -15.56
N CYS A 103 5.03 8.26 -16.56
CA CYS A 103 4.07 7.17 -16.74
C CYS A 103 4.15 6.21 -15.52
N GLN A 104 3.03 5.53 -15.22
CA GLN A 104 2.91 4.58 -14.11
C GLN A 104 4.06 3.57 -14.14
N ASN A 105 4.44 3.07 -15.34
CA ASN A 105 5.56 2.13 -15.50
C ASN A 105 6.85 2.66 -14.87
N ASP A 106 7.26 3.88 -15.26
CA ASP A 106 8.47 4.56 -14.81
C ASP A 106 8.43 4.88 -13.34
N GLN A 107 7.24 5.23 -12.83
CA GLN A 107 7.03 5.46 -11.41
C GLN A 107 7.29 4.17 -10.62
N ILE A 108 6.81 3.03 -11.15
CA ILE A 108 7.00 1.72 -10.52
C ILE A 108 8.46 1.32 -10.59
N VAL A 109 9.09 1.48 -11.76
CA VAL A 109 10.50 1.16 -11.96
C VAL A 109 11.38 1.93 -10.93
N LEU A 110 11.21 3.26 -10.85
CA LEU A 110 12.04 4.07 -9.92
C LEU A 110 11.86 3.66 -8.45
N LEU A 111 10.60 3.47 -8.02
CA LEU A 111 10.30 3.07 -6.64
C LEU A 111 10.69 1.61 -6.31
N LYS A 112 10.54 0.65 -7.26
CA LYS A 112 10.94 -0.74 -7.08
C LYS A 112 12.44 -0.80 -6.88
N ALA A 113 13.18 -0.07 -7.71
CA ALA A 113 14.63 -0.04 -7.65
C ALA A 113 15.21 0.78 -6.47
N GLY A 114 14.54 1.87 -6.07
CA GLY A 114 15.11 2.76 -5.06
C GLY A 114 14.48 2.98 -3.70
N ALA A 115 13.23 2.57 -3.45
CA ALA A 115 12.55 2.81 -2.16
C ALA A 115 13.28 2.27 -0.94
N MET A 116 13.75 1.01 -1.03
CA MET A 116 14.49 0.30 0.00
C MET A 116 15.81 1.01 0.29
N GLU A 117 16.49 1.43 -0.77
CA GLU A 117 17.75 2.15 -0.67
C GLU A 117 17.52 3.46 0.10
N VAL A 118 16.39 4.16 -0.16
CA VAL A 118 15.99 5.38 0.56
C VAL A 118 15.71 5.05 2.03
N VAL A 119 15.01 3.96 2.29
CA VAL A 119 14.75 3.48 3.64
C VAL A 119 16.07 3.31 4.39
N LEU A 120 17.07 2.62 3.80
CA LEU A 120 18.38 2.41 4.39
C LEU A 120 19.09 3.74 4.67
N VAL A 121 18.95 4.74 3.77
CA VAL A 121 19.56 6.06 4.03
C VAL A 121 18.83 6.80 5.17
N ARG A 122 17.49 6.83 5.17
CA ARG A 122 16.69 7.48 6.22
C ARG A 122 16.95 6.92 7.62
N MET A 123 17.34 5.62 7.74
CA MET A 123 17.65 4.91 8.98
C MET A 123 18.71 5.64 9.83
N CYS A 124 19.76 6.25 9.20
CA CYS A 124 20.84 6.91 9.96
C CYS A 124 20.32 8.00 10.91
N ARG A 125 19.14 8.59 10.63
CA ARG A 125 18.51 9.57 11.52
C ARG A 125 18.08 8.97 12.85
N ALA A 126 17.66 7.68 12.85
CA ALA A 126 17.18 6.90 14.00
C ALA A 126 18.31 6.05 14.60
N TYR A 127 19.53 6.32 14.18
CA TYR A 127 20.69 5.61 14.65
C TYR A 127 21.58 6.50 15.54
N ASN A 128 21.98 5.98 16.72
CA ASN A 128 22.88 6.66 17.66
C ASN A 128 24.26 6.01 17.60
N ALA A 129 25.25 6.71 17.01
CA ALA A 129 26.61 6.20 16.82
C ALA A 129 27.46 6.06 18.10
N ASP A 130 27.02 6.70 19.21
CA ASP A 130 27.74 6.66 20.48
C ASP A 130 27.67 5.27 21.14
N ASN A 131 26.46 4.67 21.18
CA ASN A 131 26.22 3.35 21.79
C ASN A 131 25.85 2.27 20.78
N ARG A 132 25.88 2.60 19.47
CA ARG A 132 25.56 1.73 18.34
C ARG A 132 24.14 1.14 18.44
N THR A 133 23.16 1.99 18.82
CA THR A 133 21.76 1.60 18.97
C THR A 133 20.91 2.19 17.86
N VAL A 134 19.73 1.64 17.68
CA VAL A 134 18.80 2.09 16.66
C VAL A 134 17.43 2.22 17.31
N PHE A 135 16.61 3.15 16.82
CA PHE A 135 15.27 3.32 17.34
C PHE A 135 14.38 2.24 16.72
N PHE A 136 13.77 1.46 17.59
CA PHE A 136 12.94 0.33 17.19
C PHE A 136 11.80 0.18 18.18
N GLU A 137 10.57 0.20 17.67
CA GLU A 137 9.35 0.01 18.47
C GLU A 137 9.32 0.85 19.78
N GLY A 138 9.57 2.17 19.66
CA GLY A 138 9.52 3.09 20.79
C GLY A 138 10.77 3.34 21.62
N LYS A 139 11.80 2.51 21.51
CA LYS A 139 13.04 2.72 22.28
C LYS A 139 14.28 2.45 21.41
N TYR A 140 15.46 2.70 21.97
CA TYR A 140 16.73 2.44 21.31
C TYR A 140 17.30 1.11 21.76
N GLY A 141 17.81 0.33 20.81
CA GLY A 141 18.44 -0.96 21.08
C GLY A 141 19.53 -1.29 20.10
N GLY A 142 20.47 -2.11 20.52
CA GLY A 142 21.57 -2.61 19.71
C GLY A 142 21.13 -3.72 18.79
N MET A 143 22.04 -4.21 17.93
CA MET A 143 21.72 -5.27 16.97
C MET A 143 21.35 -6.63 17.60
N GLU A 144 21.64 -6.83 18.91
CA GLU A 144 21.35 -8.06 19.66
C GLU A 144 19.83 -8.28 19.84
N LEU A 145 19.05 -7.21 19.68
CA LEU A 145 17.59 -7.16 19.72
C LEU A 145 16.99 -8.07 18.62
N PHE A 146 17.71 -8.20 17.49
CA PHE A 146 17.28 -8.92 16.29
C PHE A 146 17.82 -10.36 16.20
N ARG A 147 18.41 -10.89 17.29
CA ARG A 147 19.01 -12.25 17.33
C ARG A 147 18.13 -13.37 16.71
N ALA A 148 16.83 -13.40 17.04
CA ALA A 148 15.90 -14.42 16.57
C ALA A 148 15.78 -14.53 15.06
N LEU A 149 16.05 -13.41 14.35
CA LEU A 149 15.98 -13.40 12.89
C LEU A 149 17.01 -14.32 12.21
N GLY A 150 18.12 -14.59 12.89
CA GLY A 150 19.21 -15.39 12.36
C GLY A 150 19.80 -14.78 11.10
N CYS A 151 19.88 -13.43 11.07
CA CYS A 151 20.38 -12.58 9.96
C CYS A 151 21.51 -11.68 10.52
N SER A 152 22.41 -12.25 11.32
CA SER A 152 23.50 -11.57 12.00
C SER A 152 24.41 -10.71 11.09
N GLU A 153 24.79 -11.27 9.94
CA GLU A 153 25.67 -10.65 8.93
C GLU A 153 24.97 -9.45 8.32
N LEU A 154 23.74 -9.64 7.85
CA LEU A 154 22.90 -8.58 7.28
C LEU A 154 22.64 -7.45 8.27
N ILE A 155 22.22 -7.77 9.51
CA ILE A 155 21.94 -6.76 10.53
C ILE A 155 23.19 -5.95 10.82
N SER A 156 24.34 -6.63 10.96
CA SER A 156 25.64 -6.01 11.22
C SER A 156 26.02 -5.02 10.11
N SER A 157 25.80 -5.39 8.84
CA SER A 157 26.04 -4.55 7.66
C SER A 157 25.11 -3.32 7.65
N ILE A 158 23.86 -3.48 8.11
CA ILE A 158 22.88 -2.38 8.17
C ILE A 158 23.37 -1.35 9.21
N PHE A 159 23.77 -1.84 10.39
CA PHE A 159 24.31 -1.02 11.49
C PHE A 159 25.64 -0.33 11.08
N ASP A 160 26.53 -1.02 10.33
CA ASP A 160 27.81 -0.48 9.82
C ASP A 160 27.56 0.69 8.84
N PHE A 161 26.64 0.48 7.86
CA PHE A 161 26.26 1.48 6.87
C PHE A 161 25.68 2.71 7.59
N SER A 162 24.77 2.51 8.57
CA SER A 162 24.18 3.61 9.34
C SER A 162 25.25 4.32 10.12
N HIS A 163 26.22 3.57 10.69
CA HIS A 163 27.36 4.14 11.43
C HIS A 163 28.20 5.07 10.55
N SER A 164 28.50 4.62 9.32
CA SER A 164 29.28 5.40 8.36
C SER A 164 28.54 6.67 7.87
N LEU A 165 27.20 6.61 7.66
CA LEU A 165 26.41 7.79 7.27
C LEU A 165 26.28 8.81 8.38
N SER A 166 26.14 8.35 9.64
CA SER A 166 25.97 9.23 10.80
C SER A 166 27.20 10.13 11.02
N ALA A 167 28.38 9.68 10.57
CA ALA A 167 29.66 10.38 10.64
C ALA A 167 29.68 11.65 9.77
N LEU A 168 28.86 11.68 8.71
CA LEU A 168 28.67 12.79 7.79
C LEU A 168 27.86 13.97 8.39
N HIS A 169 27.16 13.74 9.52
CA HIS A 169 26.28 14.70 10.19
C HIS A 169 25.31 15.35 9.20
N PHE A 170 24.73 14.52 8.32
CA PHE A 170 23.78 14.85 7.28
C PHE A 170 22.67 15.72 7.84
N SER A 171 22.46 16.90 7.26
CA SER A 171 21.36 17.75 7.66
C SER A 171 20.09 17.20 7.00
N GLU A 172 18.91 17.60 7.50
CA GLU A 172 17.62 17.17 6.95
C GLU A 172 17.51 17.44 5.48
N ASP A 173 18.00 18.63 5.05
CA ASP A 173 17.93 19.08 3.67
C ASP A 173 18.89 18.33 2.78
N GLU A 174 20.06 17.95 3.31
CA GLU A 174 21.02 17.13 2.58
C GLU A 174 20.44 15.72 2.30
N ILE A 175 19.76 15.11 3.28
CA ILE A 175 19.08 13.82 3.19
C ILE A 175 17.98 13.88 2.15
N ALA A 176 17.11 14.91 2.22
CA ALA A 176 16.01 15.17 1.27
C ALA A 176 16.56 15.18 -0.14
N LEU A 177 17.61 15.96 -0.37
CA LEU A 177 18.17 16.10 -1.72
C LEU A 177 18.90 14.85 -2.19
N TYR A 178 19.67 14.23 -1.29
CA TYR A 178 20.38 13.02 -1.61
C TYR A 178 19.41 11.84 -1.90
N THR A 179 18.35 11.67 -1.09
CA THR A 179 17.38 10.58 -1.30
C THR A 179 16.53 10.85 -2.53
N ALA A 180 16.29 12.13 -2.90
CA ALA A 180 15.57 12.46 -4.15
C ALA A 180 16.40 11.95 -5.34
N LEU A 181 17.75 12.08 -5.26
CA LEU A 181 18.66 11.59 -6.29
C LEU A 181 18.80 10.05 -6.27
N VAL A 182 18.64 9.38 -5.10
CA VAL A 182 18.64 7.92 -5.02
C VAL A 182 17.46 7.38 -5.87
N LEU A 183 16.28 8.02 -5.76
CA LEU A 183 15.10 7.67 -6.53
C LEU A 183 15.15 8.10 -7.98
N ILE A 184 15.51 9.38 -8.24
CA ILE A 184 15.45 9.90 -9.61
C ILE A 184 16.76 9.60 -10.33
N ASN A 185 16.84 8.36 -10.81
CA ASN A 185 17.99 7.81 -11.50
C ASN A 185 17.58 7.26 -12.86
N ALA A 186 18.02 7.91 -13.93
CA ALA A 186 17.74 7.54 -15.33
C ALA A 186 18.40 6.23 -15.79
N HIS A 187 19.28 5.63 -14.99
CA HIS A 187 19.97 4.37 -15.32
C HIS A 187 19.24 3.11 -14.89
N ARG A 188 18.03 3.24 -14.28
CA ARG A 188 17.24 2.09 -13.86
C ARG A 188 16.74 1.33 -15.07
N PRO A 189 17.11 0.04 -15.22
CA PRO A 189 16.58 -0.75 -16.35
C PRO A 189 15.05 -0.82 -16.39
N GLY A 190 14.48 -0.72 -17.58
CA GLY A 190 13.03 -0.83 -17.77
C GLY A 190 12.27 0.47 -17.92
N LEU A 191 12.96 1.63 -17.95
CA LEU A 191 12.30 2.93 -18.12
C LEU A 191 11.87 3.10 -19.57
N GLN A 192 10.66 3.60 -19.76
CA GLN A 192 10.07 3.88 -21.05
C GLN A 192 10.38 5.31 -21.48
N GLU A 193 10.26 6.30 -20.56
CA GLU A 193 10.57 7.71 -20.82
C GLU A 193 11.87 8.13 -20.09
N LYS A 194 12.99 7.50 -20.46
CA LYS A 194 14.29 7.72 -19.86
C LYS A 194 14.72 9.21 -19.92
N ARG A 195 14.46 9.86 -21.05
CA ARG A 195 14.76 11.28 -21.28
C ARG A 195 14.08 12.21 -20.28
N LYS A 196 12.82 11.92 -19.91
CA LYS A 196 12.12 12.73 -18.91
C LYS A 196 12.80 12.56 -17.51
N VAL A 197 13.20 11.32 -17.18
CA VAL A 197 13.86 10.99 -15.91
C VAL A 197 15.22 11.69 -15.86
N GLU A 198 15.95 11.69 -16.99
CA GLU A 198 17.26 12.36 -17.16
C GLU A 198 17.15 13.84 -16.87
N GLN A 199 16.14 14.52 -17.44
CA GLN A 199 15.90 15.94 -17.22
C GLN A 199 15.61 16.24 -15.76
N LEU A 200 14.78 15.43 -15.13
CA LEU A 200 14.42 15.55 -13.73
C LEU A 200 15.67 15.38 -12.85
N GLN A 201 16.46 14.34 -13.15
CA GLN A 201 17.72 13.99 -12.48
C GLN A 201 18.73 15.12 -12.57
N TYR A 202 18.94 15.68 -13.79
CA TYR A 202 19.88 16.77 -14.02
C TYR A 202 19.55 18.00 -13.22
N ASN A 203 18.26 18.32 -13.11
CA ASN A 203 17.80 19.47 -12.32
C ASN A 203 18.00 19.25 -10.84
N LEU A 204 17.76 18.01 -10.34
CA LEU A 204 17.98 17.66 -8.93
C LEU A 204 19.46 17.67 -8.56
N GLU A 205 20.34 17.24 -9.49
CA GLU A 205 21.80 17.19 -9.27
C GLU A 205 22.35 18.59 -9.12
N LEU A 206 21.91 19.51 -9.99
CA LEU A 206 22.34 20.91 -9.88
C LEU A 206 21.73 21.54 -8.65
N ALA A 207 20.46 21.20 -8.28
CA ALA A 207 19.80 21.65 -7.05
C ALA A 207 20.63 21.24 -5.83
N PHE A 208 21.07 19.97 -5.78
CA PHE A 208 21.86 19.45 -4.70
C PHE A 208 23.25 20.16 -4.62
N HIS A 209 23.99 20.23 -5.75
CA HIS A 209 25.31 20.89 -5.77
C HIS A 209 25.22 22.37 -5.43
N HIS A 210 24.19 23.06 -5.97
CA HIS A 210 23.94 24.47 -5.69
C HIS A 210 23.68 24.71 -4.20
N HIS A 211 22.82 23.87 -3.58
CA HIS A 211 22.51 23.98 -2.16
C HIS A 211 23.73 23.68 -1.27
N LEU A 212 24.59 22.73 -1.67
CA LEU A 212 25.83 22.46 -0.94
C LEU A 212 26.77 23.65 -1.01
N CYS A 213 26.80 24.38 -2.15
CA CYS A 213 27.62 25.60 -2.27
C CYS A 213 27.10 26.74 -1.35
N LYS A 214 25.78 26.92 -1.28
CA LYS A 214 25.13 27.95 -0.44
C LYS A 214 25.42 27.73 1.03
N THR A 215 25.52 26.47 1.45
CA THR A 215 25.72 26.12 2.84
C THR A 215 27.15 25.76 3.19
N HIS A 216 28.12 25.90 2.24
CA HIS A 216 29.54 25.58 2.42
C HIS A 216 29.70 24.11 2.82
N ARG A 217 28.91 23.23 2.19
CA ARG A 217 28.89 21.80 2.49
C ARG A 217 29.36 20.94 1.33
N GLN A 218 30.13 21.53 0.40
CA GLN A 218 30.67 20.84 -0.78
C GLN A 218 31.48 19.59 -0.37
N SER A 219 32.09 19.57 0.85
CA SER A 219 32.87 18.44 1.39
C SER A 219 32.09 17.12 1.52
N ILE A 220 30.74 17.15 1.58
CA ILE A 220 30.00 15.90 1.75
C ILE A 220 30.00 15.03 0.49
N LEU A 221 30.09 15.63 -0.73
CA LEU A 221 30.06 14.87 -1.99
C LEU A 221 31.06 13.72 -2.05
N ALA A 222 32.30 13.95 -1.61
CA ALA A 222 33.35 12.93 -1.60
C ALA A 222 33.15 11.91 -0.45
N LYS A 223 32.34 12.25 0.56
CA LYS A 223 32.06 11.39 1.71
C LYS A 223 30.81 10.51 1.51
N LEU A 224 30.03 10.74 0.44
CA LEU A 224 28.84 9.97 0.12
C LEU A 224 29.17 8.51 -0.23
N PRO A 225 28.31 7.51 0.13
CA PRO A 225 28.66 6.10 -0.14
C PRO A 225 28.95 5.81 -1.60
N PRO A 226 29.97 4.95 -1.87
CA PRO A 226 30.36 4.68 -3.27
C PRO A 226 29.29 4.02 -4.12
N LYS A 227 29.56 3.95 -5.45
CA LYS A 227 28.71 3.33 -6.46
C LYS A 227 28.57 1.84 -6.16
N GLY A 228 27.32 1.39 -5.96
CA GLY A 228 27.00 0.01 -5.65
C GLY A 228 26.71 -0.32 -4.20
N LYS A 229 27.26 0.47 -3.24
CA LYS A 229 27.12 0.26 -1.78
C LYS A 229 25.65 0.13 -1.31
N LEU A 230 24.78 1.09 -1.64
CA LEU A 230 23.36 1.05 -1.26
C LEU A 230 22.64 -0.13 -1.95
N ARG A 231 22.88 -0.31 -3.27
CA ARG A 231 22.36 -1.36 -4.15
C ARG A 231 22.66 -2.76 -3.62
N SER A 232 23.96 -3.06 -3.31
CA SER A 232 24.42 -4.35 -2.80
C SER A 232 23.68 -4.75 -1.54
N LEU A 233 23.63 -3.82 -0.57
CA LEU A 233 22.96 -3.93 0.74
C LEU A 233 21.45 -4.16 0.58
N CYS A 234 20.81 -3.47 -0.38
CA CYS A 234 19.37 -3.61 -0.63
C CYS A 234 19.07 -4.99 -1.23
N SER A 235 19.97 -5.50 -2.11
CA SER A 235 19.86 -6.82 -2.75
C SER A 235 20.06 -7.96 -1.73
N GLN A 236 21.05 -7.80 -0.81
CA GLN A 236 21.35 -8.71 0.29
C GLN A 236 20.11 -8.80 1.21
N HIS A 237 19.44 -7.65 1.40
CA HIS A 237 18.24 -7.46 2.20
C HIS A 237 17.00 -8.17 1.61
N VAL A 238 16.70 -7.93 0.31
CA VAL A 238 15.55 -8.49 -0.41
C VAL A 238 15.67 -10.05 -0.54
N GLU A 239 16.92 -10.59 -0.56
CA GLU A 239 17.17 -12.04 -0.62
C GLU A 239 16.68 -12.73 0.69
N ARG A 240 17.03 -12.14 1.84
CA ARG A 240 16.67 -12.65 3.18
C ARG A 240 15.17 -12.49 3.46
N LEU A 241 14.54 -11.42 2.92
CA LEU A 241 13.12 -11.11 3.05
C LEU A 241 12.23 -12.08 2.25
N GLN A 242 12.77 -12.60 1.12
CA GLN A 242 12.15 -13.57 0.22
C GLN A 242 11.86 -14.88 0.97
N ILE A 243 12.85 -15.35 1.77
CA ILE A 243 12.82 -16.57 2.60
C ILE A 243 11.72 -16.44 3.68
N PHE A 244 11.60 -15.25 4.27
CA PHE A 244 10.60 -14.90 5.26
C PHE A 244 9.31 -14.50 4.54
N ALA B 23 -10.09 -30.72 -16.74
CA ALA B 23 -10.41 -30.67 -15.32
C ALA B 23 -11.43 -31.74 -14.92
N SER B 24 -11.03 -32.58 -13.96
CA SER B 24 -11.86 -33.66 -13.41
C SER B 24 -12.60 -33.15 -12.17
N LEU B 25 -13.62 -33.92 -11.73
CA LEU B 25 -14.44 -33.65 -10.57
C LEU B 25 -13.61 -33.23 -9.35
N THR B 26 -12.48 -33.90 -9.15
CA THR B 26 -11.56 -33.70 -8.03
C THR B 26 -10.86 -32.36 -8.11
N GLU B 27 -10.32 -32.02 -9.29
CA GLU B 27 -9.62 -30.77 -9.53
C GLU B 27 -10.56 -29.55 -9.38
N ILE B 28 -11.81 -29.66 -9.86
CA ILE B 28 -12.80 -28.59 -9.78
C ILE B 28 -13.15 -28.36 -8.32
N GLU B 29 -13.40 -29.45 -7.62
CA GLU B 29 -13.80 -29.40 -6.21
C GLU B 29 -12.72 -28.84 -5.33
N HIS B 30 -11.46 -29.13 -5.64
CA HIS B 30 -10.33 -28.60 -4.92
C HIS B 30 -10.27 -27.08 -5.15
N LEU B 31 -10.47 -26.61 -6.41
CA LEU B 31 -10.52 -25.19 -6.75
C LEU B 31 -11.62 -24.46 -5.93
N VAL B 32 -12.81 -25.06 -5.79
CA VAL B 32 -13.91 -24.50 -4.99
C VAL B 32 -13.46 -24.27 -3.53
N GLN B 33 -12.98 -25.34 -2.90
CA GLN B 33 -12.54 -25.39 -1.52
C GLN B 33 -11.47 -24.37 -1.24
N SER B 34 -10.50 -24.26 -2.14
CA SER B 34 -9.36 -23.36 -2.11
C SER B 34 -9.82 -21.90 -2.16
N VAL B 35 -10.68 -21.54 -3.16
CA VAL B 35 -11.24 -20.19 -3.33
C VAL B 35 -12.00 -19.80 -2.05
N CYS B 36 -12.79 -20.71 -1.51
CA CYS B 36 -13.56 -20.50 -0.30
C CYS B 36 -12.69 -20.35 0.93
N LYS B 37 -11.53 -21.04 0.96
CA LYS B 37 -10.60 -20.95 2.07
C LYS B 37 -9.91 -19.58 2.02
N SER B 38 -9.43 -19.20 0.81
CA SER B 38 -8.75 -17.92 0.53
C SER B 38 -9.65 -16.76 0.91
N TYR B 39 -10.96 -16.88 0.62
CA TYR B 39 -11.94 -15.88 1.02
C TYR B 39 -12.07 -15.79 2.54
N ARG B 40 -12.28 -16.94 3.22
CA ARG B 40 -12.42 -17.03 4.67
C ARG B 40 -11.22 -16.37 5.42
N GLU B 41 -10.01 -16.55 4.90
CA GLU B 41 -8.77 -16.04 5.43
C GLU B 41 -8.55 -14.54 5.16
N THR B 42 -9.28 -13.94 4.20
CA THR B 42 -9.06 -12.55 3.78
C THR B 42 -10.35 -11.69 3.83
N CYS B 43 -11.44 -12.19 4.43
CA CYS B 43 -12.75 -11.51 4.44
C CYS B 43 -12.79 -10.27 5.30
N GLN B 44 -11.72 -10.02 6.11
CA GLN B 44 -11.55 -8.81 6.95
C GLN B 44 -12.42 -8.84 8.21
N LEU B 45 -13.75 -8.87 8.02
CA LEU B 45 -14.73 -8.94 9.08
C LEU B 45 -15.48 -10.28 8.95
N ARG B 46 -15.52 -11.05 10.04
CA ARG B 46 -16.21 -12.34 10.12
C ARG B 46 -17.70 -12.11 10.06
N LEU B 47 -18.42 -12.97 9.33
CA LEU B 47 -19.87 -12.88 9.19
C LEU B 47 -20.60 -12.96 10.54
N GLU B 48 -20.10 -13.84 11.45
CA GLU B 48 -20.64 -14.05 12.80
C GLU B 48 -20.64 -12.73 13.56
N ASP B 49 -19.48 -12.03 13.57
CA ASP B 49 -19.25 -10.72 14.20
C ASP B 49 -20.17 -9.65 13.61
N LEU B 50 -20.25 -9.54 12.27
CA LEU B 50 -21.12 -8.59 11.59
C LEU B 50 -22.59 -8.80 11.92
N LEU B 51 -23.05 -10.07 11.94
CA LEU B 51 -24.44 -10.42 12.23
C LEU B 51 -24.85 -10.15 13.67
N ARG B 52 -23.96 -10.44 14.63
CA ARG B 52 -24.25 -10.25 16.05
C ARG B 52 -24.20 -8.77 16.47
N GLN B 53 -23.62 -7.90 15.60
CA GLN B 53 -23.51 -6.46 15.83
C GLN B 53 -24.63 -5.66 15.17
N ARG B 54 -25.54 -6.34 14.42
CA ARG B 54 -26.70 -5.70 13.75
C ARG B 54 -27.58 -4.93 14.73
N SER B 55 -27.55 -5.35 16.03
CA SER B 55 -28.30 -4.80 17.15
C SER B 55 -27.68 -3.47 17.60
N ASN B 56 -26.34 -3.34 17.46
CA ASN B 56 -25.55 -2.18 17.84
C ASN B 56 -25.65 -1.06 16.78
N ILE B 57 -26.73 -0.26 16.88
CA ILE B 57 -27.08 0.85 15.97
C ILE B 57 -26.64 2.21 16.56
N PHE B 58 -26.06 3.10 15.71
CA PHE B 58 -25.65 4.47 16.12
C PHE B 58 -26.88 5.27 16.60
N SER B 59 -26.71 5.97 17.73
CA SER B 59 -27.78 6.83 18.29
C SER B 59 -27.91 8.11 17.47
N ARG B 60 -29.04 8.85 17.63
CA ARG B 60 -29.30 10.11 16.94
C ARG B 60 -28.20 11.15 17.22
N GLU B 61 -27.60 11.10 18.42
CA GLU B 61 -26.51 11.99 18.83
C GLU B 61 -25.25 11.64 18.09
N GLU B 62 -25.00 10.32 17.92
CA GLU B 62 -23.81 9.81 17.22
C GLU B 62 -23.89 10.15 15.73
N VAL B 63 -25.09 10.04 15.13
CA VAL B 63 -25.36 10.34 13.71
C VAL B 63 -25.08 11.83 13.43
N THR B 64 -25.61 12.73 14.30
CA THR B 64 -25.40 14.17 14.30
C THR B 64 -23.91 14.46 14.42
N GLY B 65 -23.23 13.73 15.28
CA GLY B 65 -21.79 13.84 15.45
C GLY B 65 -21.03 13.61 14.15
N TYR B 66 -21.44 12.59 13.35
CA TYR B 66 -20.81 12.33 12.05
C TYR B 66 -21.19 13.37 11.04
N GLN B 67 -22.43 13.84 11.10
CA GLN B 67 -22.95 14.87 10.20
C GLN B 67 -22.27 16.23 10.37
N ARG B 68 -21.84 16.57 11.59
CA ARG B 68 -21.14 17.82 11.91
C ARG B 68 -19.70 17.84 11.43
N LYS B 69 -19.09 16.66 11.20
CA LYS B 69 -17.70 16.61 10.75
C LYS B 69 -17.57 17.22 9.37
N SER B 70 -16.39 17.75 9.08
CA SER B 70 -16.05 18.28 7.80
C SER B 70 -16.06 17.14 6.78
N MET B 71 -16.32 17.45 5.52
CA MET B 71 -16.21 16.50 4.43
C MET B 71 -14.75 15.97 4.41
N TRP B 72 -13.77 16.79 4.89
CA TRP B 72 -12.35 16.43 4.94
C TRP B 72 -12.06 15.39 5.99
N GLU B 73 -12.73 15.47 7.15
CA GLU B 73 -12.64 14.50 8.24
C GLU B 73 -13.31 13.18 7.76
N MET B 74 -14.49 13.26 7.11
CA MET B 74 -15.23 12.08 6.64
C MET B 74 -14.45 11.39 5.51
N TRP B 75 -13.83 12.17 4.62
CA TRP B 75 -13.00 11.66 3.55
C TRP B 75 -11.83 10.86 4.10
N GLU B 76 -11.10 11.40 5.09
CA GLU B 76 -9.93 10.70 5.60
C GLU B 76 -10.31 9.38 6.29
N ARG B 77 -11.38 9.37 7.13
CA ARG B 77 -11.90 8.19 7.80
C ARG B 77 -12.30 7.10 6.76
N CYS B 78 -13.08 7.52 5.72
CA CYS B 78 -13.58 6.65 4.66
C CYS B 78 -12.50 6.14 3.74
N ALA B 79 -11.55 7.02 3.35
CA ALA B 79 -10.41 6.64 2.51
C ALA B 79 -9.50 5.68 3.28
N HIS B 80 -9.39 5.80 4.63
CA HIS B 80 -8.61 4.89 5.45
C HIS B 80 -9.25 3.46 5.40
N HIS B 81 -10.55 3.37 5.68
CA HIS B 81 -11.29 2.11 5.66
C HIS B 81 -11.31 1.49 4.27
N LEU B 82 -11.41 2.32 3.20
CA LEU B 82 -11.34 1.86 1.83
C LEU B 82 -9.96 1.28 1.45
N THR B 83 -8.88 1.94 1.89
CA THR B 83 -7.51 1.45 1.63
C THR B 83 -7.32 0.07 2.27
N GLU B 84 -7.82 -0.06 3.49
CA GLU B 84 -7.78 -1.31 4.25
C GLU B 84 -8.57 -2.40 3.53
N ALA B 85 -9.83 -2.11 3.10
CA ALA B 85 -10.67 -3.08 2.36
C ALA B 85 -9.97 -3.54 1.08
N ILE B 86 -9.34 -2.61 0.35
CA ILE B 86 -8.61 -2.94 -0.87
C ILE B 86 -7.40 -3.87 -0.58
N GLN B 87 -6.67 -3.65 0.55
CA GLN B 87 -5.54 -4.49 0.94
C GLN B 87 -5.97 -5.96 1.10
N TYR B 88 -7.14 -6.18 1.73
CA TYR B 88 -7.73 -7.53 1.91
C TYR B 88 -8.13 -8.17 0.60
N VAL B 89 -8.62 -7.39 -0.39
CA VAL B 89 -8.97 -7.87 -1.73
C VAL B 89 -7.70 -8.33 -2.49
N VAL B 90 -6.62 -7.56 -2.37
CA VAL B 90 -5.32 -7.82 -2.99
C VAL B 90 -4.77 -9.17 -2.45
N GLU B 91 -4.86 -9.35 -1.12
CA GLU B 91 -4.50 -10.59 -0.42
C GLU B 91 -5.33 -11.78 -0.90
N PHE B 92 -6.63 -11.59 -1.13
CA PHE B 92 -7.50 -12.62 -1.69
C PHE B 92 -7.02 -13.02 -3.10
N ALA B 93 -6.76 -12.04 -3.99
CA ALA B 93 -6.28 -12.28 -5.35
C ALA B 93 -4.97 -13.10 -5.37
N LYS B 94 -4.03 -12.75 -4.50
CA LYS B 94 -2.72 -13.41 -4.38
C LYS B 94 -2.82 -14.89 -3.98
N ARG B 95 -3.90 -15.26 -3.27
CA ARG B 95 -4.16 -16.62 -2.81
C ARG B 95 -4.95 -17.45 -3.82
N LEU B 96 -5.33 -16.86 -4.97
CA LEU B 96 -6.08 -17.56 -6.02
C LEU B 96 -5.12 -18.27 -6.97
N SER B 97 -5.38 -19.55 -7.29
CA SER B 97 -4.55 -20.39 -8.16
C SER B 97 -4.27 -19.72 -9.49
N GLY B 98 -3.00 -19.67 -9.84
CA GLY B 98 -2.57 -19.07 -11.11
C GLY B 98 -2.40 -17.56 -11.10
N PHE B 99 -3.08 -16.82 -10.17
CA PHE B 99 -2.93 -15.36 -10.11
C PHE B 99 -1.49 -14.92 -9.97
N MET B 100 -0.77 -15.56 -9.04
CA MET B 100 0.64 -15.31 -8.74
C MET B 100 1.54 -15.61 -9.94
N GLU B 101 1.14 -16.59 -10.78
CA GLU B 101 1.90 -17.04 -11.95
C GLU B 101 1.72 -16.14 -13.17
N LEU B 102 0.75 -15.21 -13.11
CA LEU B 102 0.52 -14.24 -14.16
C LEU B 102 1.63 -13.19 -14.07
N CYS B 103 1.98 -12.54 -15.19
CA CYS B 103 3.00 -11.49 -15.15
C CYS B 103 2.51 -10.31 -14.26
N GLN B 104 3.44 -9.55 -13.62
CA GLN B 104 3.14 -8.40 -12.77
C GLN B 104 2.19 -7.44 -13.47
N ASN B 105 2.37 -7.20 -14.77
CA ASN B 105 1.48 -6.34 -15.58
C ASN B 105 0.01 -6.78 -15.47
N ASP B 106 -0.27 -8.06 -15.76
CA ASP B 106 -1.59 -8.66 -15.76
C ASP B 106 -2.19 -8.68 -14.36
N GLN B 107 -1.34 -8.88 -13.35
CA GLN B 107 -1.75 -8.84 -11.94
C GLN B 107 -2.25 -7.44 -11.59
N ILE B 108 -1.54 -6.41 -12.09
CA ILE B 108 -1.90 -5.02 -11.85
C ILE B 108 -3.17 -4.68 -12.61
N VAL B 109 -3.26 -5.08 -13.89
CA VAL B 109 -4.44 -4.82 -14.74
C VAL B 109 -5.72 -5.39 -14.05
N LEU B 110 -5.69 -6.67 -13.63
CA LEU B 110 -6.83 -7.32 -12.99
C LEU B 110 -7.25 -6.60 -11.69
N LEU B 111 -6.30 -6.30 -10.81
CA LEU B 111 -6.55 -5.61 -9.55
C LEU B 111 -6.95 -4.13 -9.71
N LYS B 112 -6.38 -3.41 -10.68
CA LYS B 112 -6.72 -2.00 -10.94
C LYS B 112 -8.19 -1.94 -11.38
N ALA B 113 -8.57 -2.83 -12.29
CA ALA B 113 -9.91 -2.90 -12.83
C ALA B 113 -10.97 -3.49 -11.88
N GLY B 114 -10.60 -4.48 -11.05
CA GLY B 114 -11.56 -5.18 -10.23
C GLY B 114 -11.54 -5.11 -8.72
N ALA B 115 -10.45 -4.66 -8.09
CA ALA B 115 -10.40 -4.60 -6.61
C ALA B 115 -11.57 -3.83 -5.98
N MET B 116 -11.87 -2.62 -6.50
CA MET B 116 -12.94 -1.73 -6.01
C MET B 116 -14.32 -2.35 -6.16
N GLU B 117 -14.53 -3.03 -7.28
CA GLU B 117 -15.75 -3.77 -7.59
C GLU B 117 -15.94 -4.91 -6.56
N VAL B 118 -14.83 -5.59 -6.16
CA VAL B 118 -14.89 -6.64 -5.15
C VAL B 118 -15.27 -6.04 -3.79
N VAL B 119 -14.69 -4.89 -3.44
CA VAL B 119 -15.02 -4.18 -2.21
C VAL B 119 -16.54 -3.90 -2.20
N LEU B 120 -17.11 -3.38 -3.30
CA LEU B 120 -18.55 -3.11 -3.41
C LEU B 120 -19.38 -4.37 -3.20
N VAL B 121 -18.93 -5.52 -3.72
CA VAL B 121 -19.64 -6.80 -3.52
C VAL B 121 -19.52 -7.26 -2.05
N ARG B 122 -18.31 -7.24 -1.46
CA ARG B 122 -18.10 -7.63 -0.06
C ARG B 122 -18.94 -6.83 0.93
N MET B 123 -19.26 -5.56 0.62
CA MET B 123 -20.07 -4.66 1.44
C MET B 123 -21.42 -5.25 1.87
N CYS B 124 -22.09 -6.06 0.98
CA CYS B 124 -23.41 -6.62 1.30
C CYS B 124 -23.39 -7.42 2.61
N ARG B 125 -22.25 -8.00 3.00
CA ARG B 125 -22.11 -8.75 4.26
C ARG B 125 -22.30 -7.89 5.50
N ALA B 126 -21.84 -6.62 5.43
CA ALA B 126 -21.90 -5.64 6.50
C ALA B 126 -23.16 -4.76 6.34
N TYR B 127 -24.08 -5.18 5.49
CA TYR B 127 -25.31 -4.44 5.23
C TYR B 127 -26.53 -5.20 5.78
N ASN B 128 -27.37 -4.51 6.56
CA ASN B 128 -28.62 -5.05 7.11
C ASN B 128 -29.80 -4.46 6.34
N ALA B 129 -30.47 -5.29 5.51
CA ALA B 129 -31.60 -4.88 4.66
C ALA B 129 -32.90 -4.55 5.39
N ASP B 130 -33.02 -4.94 6.67
CA ASP B 130 -34.23 -4.69 7.45
C ASP B 130 -34.40 -3.20 7.78
N ASN B 131 -33.32 -2.55 8.27
CA ASN B 131 -33.31 -1.14 8.64
C ASN B 131 -32.48 -0.24 7.68
N ARG B 132 -31.93 -0.83 6.60
CA ARG B 132 -31.11 -0.16 5.59
C ARG B 132 -29.86 0.51 6.20
N THR B 133 -29.18 -0.24 7.06
CA THR B 133 -27.98 0.26 7.72
C THR B 133 -26.76 -0.52 7.26
N VAL B 134 -25.59 0.04 7.55
CA VAL B 134 -24.31 -0.54 7.18
C VAL B 134 -23.39 -0.48 8.39
N PHE B 135 -22.48 -1.43 8.50
CA PHE B 135 -21.51 -1.43 9.58
C PHE B 135 -20.41 -0.45 9.22
N PHE B 136 -20.21 0.53 10.10
CA PHE B 136 -19.23 1.59 9.90
C PHE B 136 -18.67 1.99 11.23
N GLU B 137 -17.36 1.94 11.36
CA GLU B 137 -16.62 2.34 12.57
C GLU B 137 -17.22 1.79 13.89
N GLY B 138 -17.43 0.48 13.95
CA GLY B 138 -17.93 -0.19 15.14
C GLY B 138 -19.42 -0.36 15.34
N LYS B 139 -20.26 0.37 14.61
CA LYS B 139 -21.71 0.25 14.76
C LYS B 139 -22.42 0.27 13.41
N TYR B 140 -23.73 0.08 13.42
CA TYR B 140 -24.57 0.14 12.22
C TYR B 140 -25.24 1.50 12.11
N GLY B 141 -25.21 2.06 10.90
CA GLY B 141 -25.83 3.35 10.59
C GLY B 141 -26.35 3.43 9.18
N GLY B 142 -27.34 4.29 8.98
CA GLY B 142 -27.95 4.54 7.69
C GLY B 142 -27.10 5.46 6.82
N MET B 143 -27.51 5.70 5.58
CA MET B 143 -26.74 6.54 4.66
C MET B 143 -26.63 8.03 5.10
N GLU B 144 -27.47 8.46 6.07
CA GLU B 144 -27.49 9.85 6.58
C GLU B 144 -26.23 10.18 7.38
N LEU B 145 -25.50 9.14 7.82
CA LEU B 145 -24.22 9.19 8.51
C LEU B 145 -23.15 9.88 7.64
N PHE B 146 -23.26 9.76 6.33
CA PHE B 146 -22.32 10.23 5.30
C PHE B 146 -22.71 11.57 4.68
N ARG B 147 -23.70 12.28 5.25
CA ARG B 147 -24.17 13.59 4.78
C ARG B 147 -23.02 14.59 4.42
N ALA B 148 -22.02 14.75 5.30
CA ALA B 148 -20.92 15.70 5.09
C ALA B 148 -20.15 15.50 3.82
N LEU B 149 -20.11 14.25 3.28
CA LEU B 149 -19.40 13.96 2.03
C LEU B 149 -19.99 14.67 0.81
N GLY B 150 -21.26 15.06 0.88
CA GLY B 150 -22.00 15.67 -0.21
C GLY B 150 -22.06 14.79 -1.45
N CYS B 151 -22.13 13.45 -1.25
CA CYS B 151 -22.16 12.38 -2.26
C CYS B 151 -23.45 11.55 -2.06
N SER B 152 -24.59 12.21 -1.79
CA SER B 152 -25.84 11.51 -1.46
C SER B 152 -26.37 10.56 -2.59
N GLU B 153 -26.22 10.93 -3.87
CA GLU B 153 -26.62 10.11 -5.02
C GLU B 153 -25.76 8.83 -5.09
N LEU B 154 -24.43 8.99 -5.02
CA LEU B 154 -23.46 7.87 -4.99
C LEU B 154 -23.68 6.96 -3.80
N ILE B 155 -23.85 7.52 -2.58
CA ILE B 155 -24.06 6.72 -1.37
C ILE B 155 -25.34 5.92 -1.51
N SER B 156 -26.42 6.56 -1.98
CA SER B 156 -27.72 5.94 -2.22
C SER B 156 -27.60 4.73 -3.17
N SER B 157 -26.83 4.87 -4.28
CA SER B 157 -26.56 3.82 -5.25
C SER B 157 -25.78 2.67 -4.60
N ILE B 158 -24.82 2.98 -3.69
CA ILE B 158 -24.03 1.96 -2.98
C ILE B 158 -24.96 1.12 -2.08
N PHE B 159 -25.83 1.80 -1.31
CA PHE B 159 -26.83 1.19 -0.43
C PHE B 159 -27.88 0.37 -1.24
N ASP B 160 -28.30 0.85 -2.45
CA ASP B 160 -29.25 0.15 -3.36
C ASP B 160 -28.64 -1.15 -3.88
N PHE B 161 -27.38 -1.09 -4.35
CA PHE B 161 -26.63 -2.25 -4.83
C PHE B 161 -26.48 -3.29 -3.72
N SER B 162 -26.10 -2.86 -2.50
CA SER B 162 -25.98 -3.75 -1.33
C SER B 162 -27.35 -4.33 -0.98
N HIS B 163 -28.42 -3.50 -1.07
CA HIS B 163 -29.79 -3.94 -0.81
C HIS B 163 -30.22 -5.05 -1.78
N SER B 164 -29.90 -4.90 -3.07
CA SER B 164 -30.24 -5.88 -4.09
C SER B 164 -29.49 -7.20 -3.92
N LEU B 165 -28.20 -7.17 -3.47
CA LEU B 165 -27.40 -8.38 -3.25
C LEU B 165 -27.82 -9.12 -2.01
N SER B 166 -28.28 -8.38 -0.97
CA SER B 166 -28.67 -8.99 0.30
C SER B 166 -29.96 -9.82 0.18
N ALA B 167 -30.79 -9.49 -0.83
CA ALA B 167 -32.06 -10.16 -1.14
C ALA B 167 -31.81 -11.58 -1.65
N LEU B 168 -30.63 -11.82 -2.27
CA LEU B 168 -30.12 -13.07 -2.81
C LEU B 168 -29.66 -14.05 -1.70
N HIS B 169 -29.50 -13.57 -0.46
CA HIS B 169 -29.00 -14.33 0.69
C HIS B 169 -27.68 -15.05 0.36
N PHE B 170 -26.78 -14.33 -0.34
CA PHE B 170 -25.47 -14.79 -0.78
C PHE B 170 -24.72 -15.46 0.36
N SER B 171 -24.34 -16.73 0.17
CA SER B 171 -23.57 -17.42 1.18
C SER B 171 -22.11 -16.96 1.05
N GLU B 172 -21.28 -17.21 2.09
CA GLU B 172 -19.87 -16.85 2.08
C GLU B 172 -19.14 -17.44 0.89
N ASP B 173 -19.49 -18.69 0.55
CA ASP B 173 -18.85 -19.42 -0.53
C ASP B 173 -19.28 -18.91 -1.90
N GLU B 174 -20.54 -18.46 -2.03
CA GLU B 174 -21.04 -17.83 -3.26
C GLU B 174 -20.31 -16.51 -3.53
N ILE B 175 -20.08 -15.68 -2.49
CA ILE B 175 -19.33 -14.42 -2.54
C ILE B 175 -17.89 -14.67 -2.95
N ALA B 176 -17.21 -15.66 -2.31
CA ALA B 176 -15.84 -16.05 -2.62
C ALA B 176 -15.71 -16.39 -4.11
N LEU B 177 -16.62 -17.24 -4.61
CA LEU B 177 -16.56 -17.66 -6.00
C LEU B 177 -16.96 -16.54 -6.97
N TYR B 178 -17.99 -15.78 -6.63
CA TYR B 178 -18.42 -14.65 -7.46
C TYR B 178 -17.36 -13.54 -7.53
N THR B 179 -16.73 -13.17 -6.39
CA THR B 179 -15.69 -12.14 -6.37
C THR B 179 -14.42 -12.60 -7.04
N ALA B 180 -14.11 -13.92 -7.02
CA ALA B 180 -12.95 -14.47 -7.75
C ALA B 180 -13.17 -14.23 -9.26
N LEU B 181 -14.43 -14.39 -9.74
CA LEU B 181 -14.78 -14.14 -11.13
C LEU B 181 -14.84 -12.63 -11.47
N VAL B 182 -15.09 -11.76 -10.47
CA VAL B 182 -15.08 -10.32 -10.69
C VAL B 182 -13.62 -9.92 -11.06
N LEU B 183 -12.65 -10.48 -10.35
CA LEU B 183 -11.23 -10.24 -10.58
C LEU B 183 -10.69 -10.97 -11.81
N ILE B 184 -10.97 -12.27 -11.95
CA ILE B 184 -10.40 -13.06 -13.04
C ILE B 184 -11.27 -12.96 -14.29
N ASN B 185 -11.10 -11.83 -15.00
CA ASN B 185 -11.84 -11.46 -16.19
C ASN B 185 -10.86 -11.16 -17.32
N ALA B 186 -10.89 -11.99 -18.36
CA ALA B 186 -10.04 -11.87 -19.54
C ALA B 186 -10.37 -10.68 -20.45
N HIS B 187 -11.47 -9.94 -20.18
CA HIS B 187 -11.87 -8.80 -21.02
C HIS B 187 -11.27 -7.46 -20.56
N ARG B 188 -10.41 -7.46 -19.51
CA ARG B 188 -9.77 -6.24 -19.02
C ARG B 188 -8.77 -5.73 -20.04
N PRO B 189 -8.94 -4.49 -20.55
CA PRO B 189 -7.95 -3.93 -21.51
C PRO B 189 -6.53 -3.87 -20.94
N GLY B 190 -5.53 -4.20 -21.76
CA GLY B 190 -4.13 -4.12 -21.37
C GLY B 190 -3.48 -5.41 -20.93
N LEU B 191 -4.19 -6.56 -21.02
CA LEU B 191 -3.62 -7.86 -20.63
C LEU B 191 -2.65 -8.33 -21.70
N GLN B 192 -1.50 -8.81 -21.27
CA GLN B 192 -0.42 -9.33 -22.11
C GLN B 192 -0.62 -10.82 -22.35
N GLU B 193 -1.03 -11.59 -21.29
CA GLU B 193 -1.29 -13.04 -21.39
C GLU B 193 -2.80 -13.32 -21.28
N LYS B 194 -3.61 -12.82 -22.25
CA LYS B 194 -5.08 -12.96 -22.36
C LYS B 194 -5.56 -14.44 -22.31
N ARG B 195 -4.87 -15.34 -23.03
CA ARG B 195 -5.16 -16.78 -23.07
C ARG B 195 -5.02 -17.45 -21.71
N LYS B 196 -4.02 -17.05 -20.86
CA LYS B 196 -3.85 -17.62 -19.51
C LYS B 196 -5.01 -17.18 -18.60
N VAL B 197 -5.42 -15.90 -18.67
CA VAL B 197 -6.51 -15.34 -17.86
C VAL B 197 -7.82 -16.02 -18.25
N GLU B 198 -8.05 -16.25 -19.58
CA GLU B 198 -9.22 -16.95 -20.13
C GLU B 198 -9.36 -18.35 -19.53
N GLN B 199 -8.26 -19.08 -19.50
CA GLN B 199 -8.25 -20.42 -18.94
C GLN B 199 -8.57 -20.40 -17.43
N LEU B 200 -7.96 -19.47 -16.69
CA LEU B 200 -8.18 -19.30 -15.27
C LEU B 200 -9.67 -18.96 -14.99
N GLN B 201 -10.23 -17.99 -15.74
CA GLN B 201 -11.63 -17.58 -15.71
C GLN B 201 -12.58 -18.78 -15.93
N TYR B 202 -12.37 -19.59 -16.99
CA TYR B 202 -13.27 -20.71 -17.25
C TYR B 202 -13.23 -21.74 -16.13
N ASN B 203 -12.02 -22.01 -15.59
CA ASN B 203 -11.89 -22.96 -14.49
C ASN B 203 -12.67 -22.51 -13.27
N LEU B 204 -12.62 -21.20 -12.96
CA LEU B 204 -13.40 -20.61 -11.87
C LEU B 204 -14.91 -20.60 -12.17
N GLU B 205 -15.30 -20.39 -13.43
CA GLU B 205 -16.70 -20.41 -13.90
C GLU B 205 -17.26 -21.81 -13.72
N LEU B 206 -16.49 -22.85 -14.09
CA LEU B 206 -16.80 -24.27 -13.94
C LEU B 206 -16.95 -24.59 -12.47
N ALA B 207 -16.00 -24.12 -11.63
CA ALA B 207 -16.02 -24.28 -10.20
C ALA B 207 -17.27 -23.63 -9.57
N PHE B 208 -17.60 -22.40 -9.97
CA PHE B 208 -18.79 -21.70 -9.48
C PHE B 208 -20.09 -22.44 -9.86
N HIS B 209 -20.24 -22.82 -11.16
CA HIS B 209 -21.44 -23.53 -11.66
C HIS B 209 -21.58 -24.91 -11.03
N HIS B 210 -20.48 -25.65 -10.90
CA HIS B 210 -20.45 -26.95 -10.21
C HIS B 210 -20.93 -26.82 -8.77
N HIS B 211 -20.40 -25.83 -8.02
CA HIS B 211 -20.75 -25.60 -6.63
C HIS B 211 -22.21 -25.19 -6.46
N LEU B 212 -22.74 -24.37 -7.38
CA LEU B 212 -24.17 -23.98 -7.39
C LEU B 212 -25.04 -25.22 -7.60
N CYS B 213 -24.62 -26.16 -8.46
CA CYS B 213 -25.34 -27.44 -8.66
C CYS B 213 -25.31 -28.36 -7.40
N LYS B 214 -24.18 -28.43 -6.68
CA LYS B 214 -24.04 -29.19 -5.43
C LYS B 214 -24.87 -28.64 -4.28
N THR B 215 -25.06 -27.31 -4.24
CA THR B 215 -25.79 -26.67 -3.17
C THR B 215 -27.22 -26.30 -3.56
N HIS B 216 -27.73 -26.78 -4.74
CA HIS B 216 -29.09 -26.50 -5.23
C HIS B 216 -29.33 -24.99 -5.34
N ARG B 217 -28.31 -24.25 -5.80
CA ARG B 217 -28.37 -22.80 -5.86
C ARG B 217 -28.25 -22.26 -7.27
N GLN B 218 -28.62 -23.09 -8.26
CA GLN B 218 -28.59 -22.74 -9.70
C GLN B 218 -29.37 -21.43 -10.00
N SER B 219 -30.44 -21.17 -9.22
CA SER B 219 -31.34 -20.00 -9.30
C SER B 219 -30.64 -18.66 -9.13
N ILE B 220 -29.47 -18.61 -8.47
CA ILE B 220 -28.84 -17.30 -8.21
C ILE B 220 -28.23 -16.68 -9.45
N LEU B 221 -27.76 -17.49 -10.44
CA LEU B 221 -27.12 -16.97 -11.65
C LEU B 221 -27.90 -15.90 -12.37
N ALA B 222 -29.21 -16.12 -12.58
CA ALA B 222 -30.07 -15.17 -13.25
C ALA B 222 -30.41 -13.95 -12.36
N LYS B 223 -30.23 -14.07 -11.03
CA LYS B 223 -30.49 -13.00 -10.06
C LYS B 223 -29.25 -12.09 -9.79
N LEU B 224 -28.07 -12.48 -10.26
CA LEU B 224 -26.83 -11.73 -10.11
C LEU B 224 -26.91 -10.39 -10.87
N PRO B 225 -26.29 -9.30 -10.33
CA PRO B 225 -26.36 -8.01 -11.05
C PRO B 225 -25.70 -8.10 -12.43
N PRO B 226 -26.22 -7.43 -13.47
CA PRO B 226 -25.52 -7.49 -14.78
C PRO B 226 -24.07 -6.95 -14.65
N LYS B 227 -23.07 -7.62 -15.26
CA LYS B 227 -21.64 -7.24 -15.24
C LYS B 227 -21.42 -5.70 -15.30
N GLY B 228 -22.15 -5.02 -16.18
CA GLY B 228 -22.11 -3.57 -16.36
C GLY B 228 -22.53 -2.74 -15.15
N LYS B 229 -23.44 -3.27 -14.31
CA LYS B 229 -23.92 -2.57 -13.12
C LYS B 229 -22.77 -2.27 -12.12
N LEU B 230 -21.96 -3.30 -11.75
CA LEU B 230 -20.84 -3.13 -10.81
C LEU B 230 -19.82 -2.15 -11.39
N ARG B 231 -19.51 -2.29 -12.71
CA ARG B 231 -18.54 -1.52 -13.46
C ARG B 231 -18.86 -0.03 -13.44
N SER B 232 -20.11 0.36 -13.78
CA SER B 232 -20.55 1.77 -13.77
C SER B 232 -20.52 2.39 -12.36
N LEU B 233 -20.99 1.62 -11.33
CA LEU B 233 -20.98 2.04 -9.92
C LEU B 233 -19.53 2.29 -9.44
N CYS B 234 -18.58 1.45 -9.91
CA CYS B 234 -17.16 1.55 -9.60
C CYS B 234 -16.60 2.82 -10.21
N SER B 235 -16.98 3.12 -11.48
CA SER B 235 -16.58 4.32 -12.24
C SER B 235 -17.10 5.62 -11.60
N GLN B 236 -18.38 5.61 -11.15
CA GLN B 236 -19.06 6.71 -10.48
C GLN B 236 -18.33 7.00 -9.15
N HIS B 237 -17.96 5.93 -8.42
CA HIS B 237 -17.23 5.98 -7.16
C HIS B 237 -15.82 6.60 -7.30
N VAL B 238 -15.03 6.10 -8.28
CA VAL B 238 -13.65 6.52 -8.62
C VAL B 238 -13.61 8.04 -8.97
N GLU B 239 -14.61 8.53 -9.75
CA GLU B 239 -14.79 9.94 -10.15
C GLU B 239 -14.86 10.88 -8.93
N ARG B 240 -15.66 10.48 -7.91
CA ARG B 240 -15.86 11.21 -6.67
C ARG B 240 -14.62 11.11 -5.78
N LEU B 241 -14.03 9.90 -5.66
CA LEU B 241 -12.83 9.62 -4.87
C LEU B 241 -11.63 10.51 -5.28
N GLN B 242 -11.49 10.75 -6.60
CA GLN B 242 -10.40 11.52 -7.20
C GLN B 242 -10.42 13.00 -6.80
N ILE B 243 -11.62 13.63 -6.77
CA ILE B 243 -11.78 15.05 -6.35
C ILE B 243 -11.34 15.26 -4.88
N PHE B 244 -11.50 14.20 -4.05
CA PHE B 244 -11.14 14.19 -2.65
C PHE B 244 -9.61 13.99 -2.43
N GLN B 245 -9.01 12.91 -3.00
CA GLN B 245 -7.58 12.62 -2.86
C GLN B 245 -6.68 13.68 -3.52
N HIS B 246 -7.22 14.44 -4.51
CA HIS B 246 -6.52 15.53 -5.20
C HIS B 246 -6.09 16.62 -4.19
N LEU B 247 -6.94 16.89 -3.18
CA LEU B 247 -6.68 17.90 -2.15
C LEU B 247 -6.23 17.34 -0.78
N HIS B 248 -6.51 16.05 -0.50
CA HIS B 248 -6.20 15.46 0.81
C HIS B 248 -5.63 14.01 0.77
N PRO B 249 -4.32 13.82 0.51
CA PRO B 249 -3.76 12.46 0.55
C PRO B 249 -3.47 12.01 2.00
N ILE B 250 -3.48 10.68 2.26
CA ILE B 250 -3.22 10.14 3.60
C ILE B 250 -2.41 8.83 3.55
N VAL B 251 -1.54 8.63 4.57
CA VAL B 251 -0.66 7.48 4.76
C VAL B 251 -1.32 6.54 5.79
N VAL B 252 -1.87 5.40 5.34
CA VAL B 252 -2.50 4.44 6.26
C VAL B 252 -1.67 3.15 6.34
N GLN B 253 -1.55 2.62 7.59
CA GLN B 253 -0.78 1.41 7.93
C GLN B 253 -1.35 0.17 7.26
N ALA B 254 -0.46 -0.69 6.74
CA ALA B 254 -0.82 -1.92 6.04
C ALA B 254 -0.49 -3.17 6.84
N ALA B 255 -1.53 -3.98 7.14
CA ALA B 255 -1.41 -5.25 7.86
C ALA B 255 -1.49 -6.39 6.83
N PHE B 256 -0.51 -7.33 6.90
CA PHE B 256 -0.18 -8.49 6.02
C PHE B 256 1.26 -8.23 5.47
N PRO B 257 1.97 -9.12 4.72
CA PRO B 257 1.61 -10.42 4.14
C PRO B 257 2.12 -11.62 4.99
N PRO B 258 2.26 -12.89 4.46
CA PRO B 258 2.73 -13.99 5.33
C PRO B 258 4.17 -13.83 5.82
N VAL C 1 11.72 -4.54 -4.44
CA VAL C 1 10.58 -4.68 -3.53
C VAL C 1 9.50 -5.62 -4.09
N GLU C 2 9.17 -5.47 -5.42
CA GLU C 2 8.18 -6.19 -6.24
C GLU C 2 7.16 -5.16 -6.80
N ARG C 3 6.88 -5.21 -8.12
CA ARG C 3 6.00 -4.29 -8.87
C ARG C 3 4.60 -4.07 -8.28
N LEU C 4 3.90 -5.17 -7.81
CA LEU C 4 2.56 -5.07 -7.21
C LEU C 4 2.61 -4.25 -5.91
N GLN C 5 3.51 -4.60 -4.94
CA GLN C 5 3.68 -3.83 -3.69
C GLN C 5 3.84 -2.31 -4.04
N ILE C 6 4.76 -2.00 -5.00
CA ILE C 6 4.99 -0.63 -5.43
C ILE C 6 3.71 -0.01 -5.97
N PHE C 7 3.03 -0.69 -6.93
CA PHE C 7 1.76 -0.19 -7.44
C PHE C 7 0.78 0.15 -6.29
N GLN C 8 0.58 -0.80 -5.31
CA GLN C 8 -0.33 -0.71 -4.14
C GLN C 8 0.06 0.52 -3.28
N HIS C 9 1.41 0.77 -3.13
CA HIS C 9 1.92 1.93 -2.38
C HIS C 9 1.52 3.25 -3.07
N LEU C 10 1.63 3.27 -4.41
CA LEU C 10 1.32 4.41 -5.27
C LEU C 10 -0.17 4.68 -5.32
N HIS C 11 -0.96 3.60 -5.44
CA HIS C 11 -2.41 3.69 -5.58
C HIS C 11 -3.13 2.87 -4.55
N PRO C 12 -3.12 3.30 -3.26
CA PRO C 12 -3.87 2.56 -2.24
C PRO C 12 -5.39 2.51 -2.53
N ILE C 13 -5.87 3.46 -3.34
CA ILE C 13 -7.25 3.60 -3.80
C ILE C 13 -7.14 4.03 -5.26
C1 76E D . 16.25 -0.75 12.91
C2 76E D . 15.40 -9.94 7.84
C3 76E D . 16.90 -1.84 12.40
C4 76E D . 15.37 -2.77 7.36
C5 76E D . 15.24 -1.40 7.51
C6 76E D . 16.39 -9.01 8.07
C7 76E D . 14.88 -0.63 12.80
C8 76E D . 14.07 -9.53 7.87
C9 76E D . 13.29 -3.10 8.50
C10 76E D . 14.82 -2.74 11.66
C11 76E D . 14.75 -7.29 8.40
C12 76E D . 13.15 -1.74 8.67
C13 76E D . 16.19 -2.85 11.78
C14 76E D . 14.40 -3.61 7.86
C15 76E D . 14.13 -0.89 8.16
C16 76E D . 16.08 -7.70 8.36
C17 76E D . 14.18 -1.62 12.16
C18 76E D . 13.75 -8.22 8.15
C19 76E D . 14.43 -5.90 8.74
C20 76E D . 11.93 -1.24 9.35
C21 76E D . 12.70 0.85 10.34
C22 76E D . 14.08 0.82 9.68
C23 76E D . 16.93 -4.02 11.24
N24 76E D . 12.02 -0.46 10.62
N25 76E D . 14.50 -5.00 7.70
O26 76E D . 14.15 -5.63 9.90
O27 76E D . 11.96 -2.83 11.77
O28 76E D . 11.98 -0.71 13.15
O29 76E D . 13.98 0.48 8.29
F30 76E D . 17.08 -6.83 8.58
F31 76E D . 18.16 -4.07 11.79
F32 76E D . 16.31 -5.22 11.43
F33 76E D . 17.13 -3.92 9.90
S34 76E D . 12.41 -1.47 11.99
CL35 76E D . 12.09 -7.77 8.14
C1 76E E . -20.07 1.51 4.48
C2 76E E . -16.85 9.66 -1.57
C3 76E E . -20.43 2.44 3.53
C4 76E E . -16.89 2.57 -0.42
C5 76E E . -16.83 1.27 0.04
C6 76E E . -17.84 8.70 -1.64
C7 76E E . -18.80 1.52 5.01
C8 76E E . -15.72 9.43 -0.81
C9 76E E . -15.53 3.29 1.41
C10 76E E . -18.23 3.39 3.60
C11 76E E . -16.59 7.27 -0.20
C12 76E E . -15.48 2.00 1.89
C13 76E E . -19.52 3.38 3.09
C14 76E E . -16.24 3.57 0.27
C15 76E E . -16.12 0.99 1.20
C16 76E E . -17.71 7.51 -0.96
C17 76E E . -17.89 2.44 4.54
C18 76E E . -15.60 8.23 -0.13
C19 76E E . -16.46 6.00 0.55
C20 76E E . -14.70 1.70 3.14
C21 76E E . -15.87 -0.22 4.08
C22 76E E . -16.82 -0.36 2.89
C23 76E E . -19.99 4.36 2.06
N24 76E E . -15.33 1.15 4.38
N25 76E E . -16.30 4.88 -0.22
O26 76E E . -16.54 6.02 1.77
O27 76E E . -15.68 3.68 5.05
O28 76E E . -16.42 1.80 6.56
O29 76E E . -16.07 -0.32 1.67
F30 76E E . -18.67 6.59 -1.04
F31 76E E . -21.35 4.37 1.97
F32 76E E . -19.63 5.64 2.33
F33 76E E . -19.52 4.09 0.82
S34 76E E . -16.23 2.35 5.24
CL35 76E E . -14.18 7.95 0.77
#